data_9DYZ
# 
_entry.id   9DYZ 
# 
_audit_conform.dict_name       mmcif_pdbx.dic 
_audit_conform.dict_version    5.403 
_audit_conform.dict_location   http://mmcif.pdb.org/dictionaries/ascii/mmcif_pdbx.dic 
# 
loop_
_database_2.database_id 
_database_2.database_code 
_database_2.pdbx_database_accession 
_database_2.pdbx_DOI 
PDB   9DYZ         pdb_00009dyz 10.2210/pdb9dyz/pdb 
WWPDB D_1000289119 ?            ?                   
# 
loop_
_pdbx_audit_revision_history.ordinal 
_pdbx_audit_revision_history.data_content_type 
_pdbx_audit_revision_history.major_revision 
_pdbx_audit_revision_history.minor_revision 
_pdbx_audit_revision_history.revision_date 
_pdbx_audit_revision_history.part_number 
1 'Structure model' 1 0 2025-03-26 ? 
2 'Structure model' 1 1 2025-04-16 ? 
# 
_pdbx_audit_revision_details.ordinal             1 
_pdbx_audit_revision_details.revision_ordinal    1 
_pdbx_audit_revision_details.data_content_type   'Structure model' 
_pdbx_audit_revision_details.provider            repository 
_pdbx_audit_revision_details.type                'Initial release' 
_pdbx_audit_revision_details.description         ? 
_pdbx_audit_revision_details.details             ? 
# 
_pdbx_audit_revision_group.ordinal             1 
_pdbx_audit_revision_group.revision_ordinal    2 
_pdbx_audit_revision_group.data_content_type   'Structure model' 
_pdbx_audit_revision_group.group               'Database references' 
# 
loop_
_pdbx_audit_revision_category.ordinal 
_pdbx_audit_revision_category.revision_ordinal 
_pdbx_audit_revision_category.data_content_type 
_pdbx_audit_revision_category.category 
1 2 'Structure model' citation        
2 2 'Structure model' citation_author 
# 
loop_
_pdbx_audit_revision_item.ordinal 
_pdbx_audit_revision_item.revision_ordinal 
_pdbx_audit_revision_item.data_content_type 
_pdbx_audit_revision_item.item 
1 2 'Structure model' '_citation.journal_volume'          
2 2 'Structure model' '_citation.page_first'              
3 2 'Structure model' '_citation.page_last'               
4 2 'Structure model' '_citation_author.identifier_ORCID' 
# 
_pdbx_database_status.status_code                     REL 
_pdbx_database_status.status_code_sf                  REL 
_pdbx_database_status.status_code_mr                  ? 
_pdbx_database_status.entry_id                        9DYZ 
_pdbx_database_status.recvd_initial_deposition_date   2024-10-15 
_pdbx_database_status.SG_entry                        N 
_pdbx_database_status.deposit_site                    RCSB 
_pdbx_database_status.process_site                    RCSB 
_pdbx_database_status.status_code_cs                  ? 
_pdbx_database_status.status_code_nmr_data            ? 
_pdbx_database_status.methods_development_category    ? 
_pdbx_database_status.pdb_format_compatible           N 
# 
_pdbx_contact_author.id                 2 
_pdbx_contact_author.email              jraskato@ucsc.edu 
_pdbx_contact_author.name_first         Jevgenij 
_pdbx_contact_author.name_last          Raskatov 
_pdbx_contact_author.name_mi            A 
_pdbx_contact_author.role               'principal investigator/group leader' 
_pdbx_contact_author.identifier_ORCID   0000-0002-0082-9113 
# 
loop_
_audit_author.name 
_audit_author.pdbx_ordinal 
_audit_author.identifier_ORCID 
'Sawaya, M.R.'   1 0000-0003-0874-9043 
'Raskatov, J.A.' 2 0000-0002-0082-9113 
'Hazari, A.'     3 0009-0005-2071-1322 
# 
_citation.abstract                  ? 
_citation.abstract_id_CAS           ? 
_citation.book_id_ISBN              ? 
_citation.book_publisher            ? 
_citation.book_publisher_city       ? 
_citation.book_title                ? 
_citation.coordinate_linkage        ? 
_citation.country                   UK 
_citation.database_id_Medline       ? 
_citation.details                   ? 
_citation.id                        primary 
_citation.journal_abbrev            'Chem Sci' 
_citation.journal_id_ASTM           ? 
_citation.journal_id_CSD            ? 
_citation.journal_id_ISSN           2041-6520 
_citation.journal_full              ? 
_citation.journal_issue             ? 
_citation.journal_volume            16 
_citation.language                  ? 
_citation.page_first                5907 
_citation.page_last                 5917 
_citation.title                     
;Formation of rippled beta-sheets from mixed chirality linear and cyclic peptides-new structural motifs based on the pauling-corey rippled beta-sheet.
;
_citation.year                      2025 
_citation.database_id_CSD           ? 
_citation.pdbx_database_id_DOI      10.1039/d4sc08079c 
_citation.pdbx_database_id_PubMed   40060095 
_citation.pdbx_database_id_patent   ? 
_citation.unpublished_flag          ? 
# 
loop_
_citation_author.citation_id 
_citation_author.name 
_citation_author.ordinal 
_citation_author.identifier_ORCID 
primary 'Hazari, A.'        1 ? 
primary 'Sawaya, M.R.'      2 ? 
primary 'Lee, H.'           3 ? 
primary 'Sajimon, M.'       4 ? 
primary 'Kim, H.'           5 ? 
primary 'Goddard Iii, W.A.' 6 ? 
primary 'Eisenberg, D.'     7 ? 
primary 'Raskatov, J.A.'    8 ? 
# 
loop_
_entity.id 
_entity.type 
_entity.src_method 
_entity.pdbx_description 
_entity.formula_weight 
_entity.pdbx_number_of_molecules 
_entity.pdbx_ec 
_entity.pdbx_mutation 
_entity.pdbx_fragment 
_entity.details 
1 polymer syn 'VVGG(DVA)(DVA)GG' 642.746 1 ? ? ? ? 
2 water   nat water              18.015  2 ? ? ? ? 
# 
_entity_poly.entity_id                      1 
_entity_poly.type                           'polypeptide(L)' 
_entity_poly.nstd_linkage                   no 
_entity_poly.nstd_monomer                   yes 
_entity_poly.pdbx_seq_one_letter_code       'VVGG(DVA)(DVA)GG' 
_entity_poly.pdbx_seq_one_letter_code_can   VVGGVVGG 
_entity_poly.pdbx_strand_id                 AAA 
_entity_poly.pdbx_target_identifier         ? 
# 
_pdbx_entity_nonpoly.entity_id   2 
_pdbx_entity_nonpoly.name        water 
_pdbx_entity_nonpoly.comp_id     HOH 
# 
loop_
_entity_poly_seq.entity_id 
_entity_poly_seq.num 
_entity_poly_seq.mon_id 
_entity_poly_seq.hetero 
1 1 VAL n 
1 2 VAL n 
1 3 GLY n 
1 4 GLY n 
1 5 DVA n 
1 6 DVA n 
1 7 GLY n 
1 8 GLY n 
# 
_pdbx_entity_src_syn.entity_id              1 
_pdbx_entity_src_syn.pdbx_src_id            1 
_pdbx_entity_src_syn.pdbx_alt_source_flag   sample 
_pdbx_entity_src_syn.pdbx_beg_seq_num       1 
_pdbx_entity_src_syn.pdbx_end_seq_num       8 
_pdbx_entity_src_syn.organism_scientific    'synthetic construct' 
_pdbx_entity_src_syn.organism_common_name   ? 
_pdbx_entity_src_syn.ncbi_taxonomy_id       32630 
_pdbx_entity_src_syn.details                ? 
# 
loop_
_chem_comp.id 
_chem_comp.type 
_chem_comp.mon_nstd_flag 
_chem_comp.name 
_chem_comp.pdbx_synonyms 
_chem_comp.formula 
_chem_comp.formula_weight 
DVA 'D-peptide linking' . D-VALINE ? 'C5 H11 N O2' 117.146 
GLY 'peptide linking'   y GLYCINE  ? 'C2 H5 N O2'  75.067  
HOH non-polymer         . WATER    ? 'H2 O'        18.015  
VAL 'L-peptide linking' y VALINE   ? 'C5 H11 N O2' 117.146 
# 
loop_
_pdbx_poly_seq_scheme.asym_id 
_pdbx_poly_seq_scheme.entity_id 
_pdbx_poly_seq_scheme.seq_id 
_pdbx_poly_seq_scheme.mon_id 
_pdbx_poly_seq_scheme.ndb_seq_num 
_pdbx_poly_seq_scheme.pdb_seq_num 
_pdbx_poly_seq_scheme.auth_seq_num 
_pdbx_poly_seq_scheme.pdb_mon_id 
_pdbx_poly_seq_scheme.auth_mon_id 
_pdbx_poly_seq_scheme.pdb_strand_id 
_pdbx_poly_seq_scheme.pdb_ins_code 
_pdbx_poly_seq_scheme.hetero 
A 1 1 VAL 1 1 1 VAL VAL AAA . n 
A 1 2 VAL 2 2 2 VAL VAL AAA . n 
A 1 3 GLY 3 3 3 GLY GLY AAA . n 
A 1 4 GLY 4 4 4 GLY GLY AAA . n 
A 1 5 DVA 5 5 5 DVA DVA AAA . n 
A 1 6 DVA 6 6 6 DVA DVA AAA . n 
A 1 7 GLY 7 7 7 GLY GLY AAA . n 
A 1 8 GLY 8 8 8 GLY GLY AAA . n 
# 
loop_
_pdbx_nonpoly_scheme.asym_id 
_pdbx_nonpoly_scheme.entity_id 
_pdbx_nonpoly_scheme.mon_id 
_pdbx_nonpoly_scheme.ndb_seq_num 
_pdbx_nonpoly_scheme.pdb_seq_num 
_pdbx_nonpoly_scheme.auth_seq_num 
_pdbx_nonpoly_scheme.pdb_mon_id 
_pdbx_nonpoly_scheme.auth_mon_id 
_pdbx_nonpoly_scheme.pdb_strand_id 
_pdbx_nonpoly_scheme.pdb_ins_code 
B 2 HOH 1 101 12 HOH HOH AAA . 
B 2 HOH 2 102 11 HOH HOH AAA . 
# 
loop_
_software.citation_id 
_software.classification 
_software.compiler_name 
_software.compiler_version 
_software.contact_author 
_software.contact_author_email 
_software.date 
_software.description 
_software.dependencies 
_software.hardware 
_software.language 
_software.location 
_software.mods 
_software.name 
_software.os 
_software.os_version 
_software.type 
_software.version 
_software.pdbx_ordinal 
? refinement       ? ? ? ? ? ? ? ? ? ? ? REFMAC ? ? ? 5.8.0267 1 
? 'data scaling'   ? ? ? ? ? ? ? ? ? ? ? XSCALE ? ? ? 20220820 2 
? 'data reduction' ? ? ? ? ? ? ? ? ? ? ? XDS    ? ? ? 20220820 3 
? phasing          ? ? ? ? ? ? ? ? ? ? ? SHELXT ? ? ? 2018/2   4 
# 
_cell.angle_alpha                  98.280 
_cell.angle_alpha_esd              ? 
_cell.angle_beta                   95.066 
_cell.angle_beta_esd               ? 
_cell.angle_gamma                  100.372 
_cell.angle_gamma_esd              ? 
_cell.entry_id                     9DYZ 
_cell.details                      ? 
_cell.formula_units_Z              ? 
_cell.length_a                     17.590 
_cell.length_a_esd                 ? 
_cell.length_b                     10.360 
_cell.length_b_esd                 ? 
_cell.length_c                     4.830 
_cell.length_c_esd                 ? 
_cell.volume                       ? 
_cell.volume_esd                   ? 
_cell.Z_PDB                        2 
_cell.reciprocal_angle_alpha       ? 
_cell.reciprocal_angle_beta        ? 
_cell.reciprocal_angle_gamma       ? 
_cell.reciprocal_angle_alpha_esd   ? 
_cell.reciprocal_angle_beta_esd    ? 
_cell.reciprocal_angle_gamma_esd   ? 
_cell.reciprocal_length_a          ? 
_cell.reciprocal_length_b          ? 
_cell.reciprocal_length_c          ? 
_cell.reciprocal_length_a_esd      ? 
_cell.reciprocal_length_b_esd      ? 
_cell.reciprocal_length_c_esd      ? 
_cell.pdbx_unique_axis             ? 
_cell.pdbx_esd_method              ? 
# 
_symmetry.entry_id                         9DYZ 
_symmetry.cell_setting                     ? 
_symmetry.Int_Tables_number                2 
_symmetry.space_group_name_Hall            ? 
_symmetry.space_group_name_H-M             'P -1' 
_symmetry.pdbx_full_space_group_name_H-M   ? 
# 
_exptl.absorpt_coefficient_mu     ? 
_exptl.absorpt_correction_T_max   ? 
_exptl.absorpt_correction_T_min   ? 
_exptl.absorpt_correction_type    ? 
_exptl.absorpt_process_details    ? 
_exptl.entry_id                   9DYZ 
_exptl.crystals_number            1 
_exptl.details                    ? 
_exptl.method                     'X-RAY DIFFRACTION' 
_exptl.method_details             ? 
# 
_exptl_crystal.colour                       ? 
_exptl_crystal.density_diffrn               ? 
_exptl_crystal.density_Matthews             ? 
_exptl_crystal.density_method               ? 
_exptl_crystal.density_percent_sol          ? 
_exptl_crystal.description                  ? 
_exptl_crystal.F_000                        ? 
_exptl_crystal.id                           1 
_exptl_crystal.preparation                  ? 
_exptl_crystal.size_max                     ? 
_exptl_crystal.size_mid                     ? 
_exptl_crystal.size_min                     ? 
_exptl_crystal.size_rad                     ? 
_exptl_crystal.colour_lustre                ? 
_exptl_crystal.colour_modifier              ? 
_exptl_crystal.colour_primary               ? 
_exptl_crystal.density_meas                 ? 
_exptl_crystal.density_meas_esd             ? 
_exptl_crystal.density_meas_gt              ? 
_exptl_crystal.density_meas_lt              ? 
_exptl_crystal.density_meas_temp            ? 
_exptl_crystal.density_meas_temp_esd        ? 
_exptl_crystal.density_meas_temp_gt         ? 
_exptl_crystal.density_meas_temp_lt         ? 
_exptl_crystal.pdbx_crystal_image_url       ? 
_exptl_crystal.pdbx_crystal_image_format    ? 
_exptl_crystal.pdbx_mosaicity               ? 
_exptl_crystal.pdbx_mosaicity_esd           ? 
_exptl_crystal.pdbx_mosaic_method           ? 
_exptl_crystal.pdbx_mosaic_block_size       ? 
_exptl_crystal.pdbx_mosaic_block_size_esd   ? 
# 
_exptl_crystal_grow.apparatus       ? 
_exptl_crystal_grow.atmosphere      ? 
_exptl_crystal_grow.crystal_id      1 
_exptl_crystal_grow.details         ? 
_exptl_crystal_grow.method          'BATCH MODE' 
_exptl_crystal_grow.method_ref      ? 
_exptl_crystal_grow.pH              ? 
_exptl_crystal_grow.pressure        ? 
_exptl_crystal_grow.pressure_esd    ? 
_exptl_crystal_grow.seeding         ? 
_exptl_crystal_grow.seeding_ref     ? 
_exptl_crystal_grow.temp_details    ? 
_exptl_crystal_grow.temp_esd        ? 
_exptl_crystal_grow.time            ? 
_exptl_crystal_grow.pdbx_details    'dimethylsulfoxide and water' 
_exptl_crystal_grow.pdbx_pH_range   3-4 
_exptl_crystal_grow.temp            298 
# 
_diffrn.ambient_environment              ? 
_diffrn.ambient_temp                     100 
_diffrn.ambient_temp_details             ? 
_diffrn.ambient_temp_esd                 ? 
_diffrn.crystal_id                       1 
_diffrn.crystal_support                  ? 
_diffrn.crystal_treatment                ? 
_diffrn.details                          ? 
_diffrn.id                               1 
_diffrn.ambient_pressure                 ? 
_diffrn.ambient_pressure_esd             ? 
_diffrn.ambient_pressure_gt              ? 
_diffrn.ambient_pressure_lt              ? 
_diffrn.ambient_temp_gt                  ? 
_diffrn.ambient_temp_lt                  ? 
_diffrn.pdbx_serial_crystal_experiment   N 
# 
_diffrn_detector.details                      ? 
_diffrn_detector.detector                     PIXEL 
_diffrn_detector.diffrn_id                    1 
_diffrn_detector.type                         'DECTRIS EIGER X 16M' 
_diffrn_detector.area_resol_mean              ? 
_diffrn_detector.dtime                        ? 
_diffrn_detector.pdbx_frames_total            ? 
_diffrn_detector.pdbx_collection_time_total   ? 
_diffrn_detector.pdbx_collection_date         2023-02-24 
_diffrn_detector.pdbx_frequency               ? 
_diffrn_detector.id                           ? 
_diffrn_detector.number_of_axes               ? 
# 
_diffrn_radiation.collimation                      ? 
_diffrn_radiation.diffrn_id                        1 
_diffrn_radiation.filter_edge                      ? 
_diffrn_radiation.inhomogeneity                    ? 
_diffrn_radiation.monochromator                    ? 
_diffrn_radiation.polarisn_norm                    ? 
_diffrn_radiation.polarisn_ratio                   ? 
_diffrn_radiation.probe                            ? 
_diffrn_radiation.type                             ? 
_diffrn_radiation.xray_symbol                      ? 
_diffrn_radiation.wavelength_id                    1 
_diffrn_radiation.pdbx_monochromatic_or_laue_m_l   M 
_diffrn_radiation.pdbx_wavelength_list             ? 
_diffrn_radiation.pdbx_wavelength                  ? 
_diffrn_radiation.pdbx_diffrn_protocol             'SINGLE WAVELENGTH' 
_diffrn_radiation.pdbx_analyzer                    ? 
_diffrn_radiation.pdbx_scattering_type             x-ray 
# 
_diffrn_radiation_wavelength.id           1 
_diffrn_radiation_wavelength.wavelength   0.979180 
_diffrn_radiation_wavelength.wt           1.0 
# 
_diffrn_source.current                     ? 
_diffrn_source.details                     ? 
_diffrn_source.diffrn_id                   1 
_diffrn_source.power                       ? 
_diffrn_source.size                        ? 
_diffrn_source.source                      SYNCHROTRON 
_diffrn_source.target                      ? 
_diffrn_source.type                        'NSLS-II BEAMLINE 17-ID-2' 
_diffrn_source.voltage                     ? 
_diffrn_source.take-off_angle              ? 
_diffrn_source.pdbx_wavelength_list        0.979180 
_diffrn_source.pdbx_wavelength             ? 
_diffrn_source.pdbx_synchrotron_beamline   17-ID-2 
_diffrn_source.pdbx_synchrotron_site       NSLS-II 
# 
_reflns.B_iso_Wilson_estimate                          ? 
_reflns.entry_id                                       9DYZ 
_reflns.data_reduction_details                         ? 
_reflns.data_reduction_method                          ? 
_reflns.d_resolution_high                              1.1 
_reflns.d_resolution_low                               9.53 
_reflns.details                                        ? 
_reflns.limit_h_max                                    ? 
_reflns.limit_h_min                                    ? 
_reflns.limit_k_max                                    ? 
_reflns.limit_k_min                                    ? 
_reflns.limit_l_max                                    ? 
_reflns.limit_l_min                                    ? 
_reflns.number_all                                     ? 
_reflns.number_obs                                     1113 
_reflns.observed_criterion                             ? 
_reflns.observed_criterion_F_max                       ? 
_reflns.observed_criterion_F_min                       ? 
_reflns.observed_criterion_I_max                       ? 
_reflns.observed_criterion_I_min                       ? 
_reflns.observed_criterion_sigma_F                     ? 
_reflns.observed_criterion_sigma_I                     ? 
_reflns.percent_possible_obs                           82.7 
_reflns.R_free_details                                 ? 
_reflns.Rmerge_F_all                                   ? 
_reflns.Rmerge_F_obs                                   ? 
_reflns.Friedel_coverage                               ? 
_reflns.number_gt                                      ? 
_reflns.threshold_expression                           ? 
_reflns.pdbx_redundancy                                5.6 
_reflns.pdbx_netI_over_av_sigmaI                       ? 
_reflns.pdbx_netI_over_sigmaI                          7.14 
_reflns.pdbx_res_netI_over_av_sigmaI_2                 ? 
_reflns.pdbx_res_netI_over_sigmaI_2                    ? 
_reflns.pdbx_chi_squared                               ? 
_reflns.pdbx_scaling_rejects                           ? 
_reflns.pdbx_d_res_high_opt                            ? 
_reflns.pdbx_d_res_low_opt                             ? 
_reflns.pdbx_d_res_opt_method                          ? 
_reflns.phase_calculation_details                      ? 
_reflns.pdbx_Rrim_I_all                                0.159 
_reflns.pdbx_Rpim_I_all                                ? 
_reflns.pdbx_d_opt                                     ? 
_reflns.pdbx_number_measured_all                       ? 
_reflns.pdbx_diffrn_id                                 1 
_reflns.pdbx_ordinal                                   1 
_reflns.pdbx_CC_half                                   0.991 
_reflns.pdbx_CC_star                                   ? 
_reflns.pdbx_R_split                                   ? 
_reflns.pdbx_Rmerge_I_obs                              0.144 
_reflns.pdbx_Rmerge_I_all                              ? 
_reflns.pdbx_Rsym_value                                ? 
_reflns.pdbx_CC_split_method                           ? 
_reflns.pdbx_aniso_diffraction_limit_axis_1_ortho[1]   ? 
_reflns.pdbx_aniso_diffraction_limit_axis_1_ortho[2]   ? 
_reflns.pdbx_aniso_diffraction_limit_axis_1_ortho[3]   ? 
_reflns.pdbx_aniso_diffraction_limit_axis_2_ortho[1]   ? 
_reflns.pdbx_aniso_diffraction_limit_axis_2_ortho[2]   ? 
_reflns.pdbx_aniso_diffraction_limit_axis_2_ortho[3]   ? 
_reflns.pdbx_aniso_diffraction_limit_axis_3_ortho[1]   ? 
_reflns.pdbx_aniso_diffraction_limit_axis_3_ortho[2]   ? 
_reflns.pdbx_aniso_diffraction_limit_axis_3_ortho[3]   ? 
_reflns.pdbx_aniso_diffraction_limit_1                 ? 
_reflns.pdbx_aniso_diffraction_limit_2                 ? 
_reflns.pdbx_aniso_diffraction_limit_3                 ? 
_reflns.pdbx_aniso_B_tensor_eigenvector_1_ortho[1]     ? 
_reflns.pdbx_aniso_B_tensor_eigenvector_1_ortho[2]     ? 
_reflns.pdbx_aniso_B_tensor_eigenvector_1_ortho[3]     ? 
_reflns.pdbx_aniso_B_tensor_eigenvector_2_ortho[1]     ? 
_reflns.pdbx_aniso_B_tensor_eigenvector_2_ortho[2]     ? 
_reflns.pdbx_aniso_B_tensor_eigenvector_2_ortho[3]     ? 
_reflns.pdbx_aniso_B_tensor_eigenvector_3_ortho[1]     ? 
_reflns.pdbx_aniso_B_tensor_eigenvector_3_ortho[2]     ? 
_reflns.pdbx_aniso_B_tensor_eigenvector_3_ortho[3]     ? 
_reflns.pdbx_aniso_B_tensor_eigenvalue_1               ? 
_reflns.pdbx_aniso_B_tensor_eigenvalue_2               ? 
_reflns.pdbx_aniso_B_tensor_eigenvalue_3               ? 
_reflns.pdbx_orthogonalization_convention              ? 
_reflns.pdbx_percent_possible_ellipsoidal              ? 
_reflns.pdbx_percent_possible_spherical                ? 
_reflns.pdbx_percent_possible_ellipsoidal_anomalous    ? 
_reflns.pdbx_percent_possible_spherical_anomalous      ? 
_reflns.pdbx_redundancy_anomalous                      ? 
_reflns.pdbx_CC_half_anomalous                         ? 
_reflns.pdbx_absDiff_over_sigma_anomalous              ? 
_reflns.pdbx_percent_possible_anomalous                ? 
_reflns.pdbx_observed_signal_threshold                 ? 
_reflns.pdbx_signal_type                               ? 
_reflns.pdbx_signal_details                            ? 
_reflns.pdbx_signal_software_id                        ? 
# 
loop_
_reflns_shell.d_res_high 
_reflns_shell.d_res_low 
_reflns_shell.meanI_over_sigI_all 
_reflns_shell.meanI_over_sigI_obs 
_reflns_shell.number_measured_all 
_reflns_shell.number_measured_obs 
_reflns_shell.number_possible 
_reflns_shell.number_unique_all 
_reflns_shell.number_unique_obs 
_reflns_shell.percent_possible_obs 
_reflns_shell.Rmerge_F_all 
_reflns_shell.Rmerge_F_obs 
_reflns_shell.meanI_over_sigI_gt 
_reflns_shell.meanI_over_uI_all 
_reflns_shell.meanI_over_uI_gt 
_reflns_shell.number_measured_gt 
_reflns_shell.number_unique_gt 
_reflns_shell.percent_possible_gt 
_reflns_shell.Rmerge_F_gt 
_reflns_shell.Rmerge_I_gt 
_reflns_shell.pdbx_redundancy 
_reflns_shell.pdbx_chi_squared 
_reflns_shell.pdbx_netI_over_sigmaI_all 
_reflns_shell.pdbx_netI_over_sigmaI_obs 
_reflns_shell.pdbx_Rrim_I_all 
_reflns_shell.pdbx_Rpim_I_all 
_reflns_shell.pdbx_rejects 
_reflns_shell.pdbx_ordinal 
_reflns_shell.pdbx_diffrn_id 
_reflns_shell.pdbx_CC_half 
_reflns_shell.pdbx_CC_star 
_reflns_shell.pdbx_R_split 
_reflns_shell.percent_possible_all 
_reflns_shell.Rmerge_I_all 
_reflns_shell.Rmerge_I_obs 
_reflns_shell.pdbx_Rsym_value 
_reflns_shell.pdbx_percent_possible_ellipsoidal 
_reflns_shell.pdbx_percent_possible_spherical 
_reflns_shell.pdbx_percent_possible_ellipsoidal_anomalous 
_reflns_shell.pdbx_percent_possible_spherical_anomalous 
_reflns_shell.pdbx_redundancy_anomalous 
_reflns_shell.pdbx_CC_half_anomalous 
_reflns_shell.pdbx_absDiff_over_sigma_anomalous 
_reflns_shell.pdbx_percent_possible_anomalous 
1.10 1.15 ? ? ? ? ? ? 69  ? ? ? ? ? ? ? ? ? ? ? ? ? ? ? 0.53  ? ? 1  1 0.885 ? ? ? ? 0.469 ? ? ? ? ? ? ? ? ? 
1.15 1.22 ? ? ? ? ? ? 116 ? ? ? ? ? ? ? ? ? ? ? ? ? ? ? 0.451 ? ? 2  1 0.858 ? ? ? ? 0.405 ? ? ? ? ? ? ? ? ? 
1.22 1.29 ? ? ? ? ? ? 136 ? ? ? ? ? ? ? ? ? ? ? ? ? ? ? 0.309 ? ? 3  1 0.969 ? ? ? ? 0.28  ? ? ? ? ? ? ? ? ? 
1.29 1.38 ? ? ? ? ? ? 137 ? ? ? ? ? ? ? ? ? ? ? ? ? ? ? 0.386 ? ? 4  1 0.94  ? ? ? ? 0.35  ? ? ? ? ? ? ? ? ? 
1.38 1.49 ? ? ? ? ? ? 142 ? ? ? ? ? ? ? ? ? ? ? ? ? ? ? 0.266 ? ? 5  1 0.98  ? ? ? ? 0.24  ? ? ? ? ? ? ? ? ? 
1.49 1.63 ? ? ? ? ? ? 127 ? ? ? ? ? ? ? ? ? ? ? ? ? ? ? 0.193 ? ? 6  1 0.97  ? ? ? ? 0.176 ? ? ? ? ? ? ? ? ? 
1.63 1.83 ? ? ? ? ? ? 106 ? ? ? ? ? ? ? ? ? ? ? ? ? ? ? 0.192 ? ? 7  1 0.974 ? ? ? ? 0.174 ? ? ? ? ? ? ? ? ? 
1.83 2.11 ? ? ? ? ? ? 95  ? ? ? ? ? ? ? ? ? ? ? ? ? ? ? 0.149 ? ? 8  1 0.986 ? ? ? ? 0.133 ? ? ? ? ? ? ? ? ? 
2.11 2.58 ? ? ? ? ? ? 91  ? ? ? ? ? ? ? ? ? ? ? ? ? ? ? 0.134 ? ? 9  1 0.991 ? ? ? ? 0.122 ? ? ? ? ? ? ? ? ? 
2.58 3.65 ? ? ? ? ? ? 61  ? ? ? ? ? ? ? ? ? ? ? ? ? ? ? 0.11  ? ? 10 1 0.985 ? ? ? ? 0.099 ? ? ? ? ? ? ? ? ? 
3.65 9.53 ? ? ? ? ? ? 33  ? ? ? ? ? ? ? ? ? ? ? ? ? ? ? 0.119 ? ? 11 1 0.993 ? ? ? ? 0.109 ? ? ? ? ? ? ? ? ? 
# 
_refine.aniso_B[1][1]                            0.551 
_refine.aniso_B[1][2]                            -0.362 
_refine.aniso_B[1][3]                            0.021 
_refine.aniso_B[2][2]                            -0.490 
_refine.aniso_B[2][3]                            0.554 
_refine.aniso_B[3][3]                            -0.106 
_refine.B_iso_max                                ? 
_refine.B_iso_mean                               5.379 
_refine.B_iso_min                                ? 
_refine.correlation_coeff_Fo_to_Fc               0.992 
_refine.correlation_coeff_Fo_to_Fc_free          0.990 
_refine.details                                  'Hydrogens have been used if present in the input file' 
_refine.diff_density_max                         ? 
_refine.diff_density_max_esd                     ? 
_refine.diff_density_min                         ? 
_refine.diff_density_min_esd                     ? 
_refine.diff_density_rms                         ? 
_refine.diff_density_rms_esd                     ? 
_refine.entry_id                                 9DYZ 
_refine.pdbx_refine_id                           'X-RAY DIFFRACTION' 
_refine.ls_abs_structure_details                 ? 
_refine.ls_abs_structure_Flack                   ? 
_refine.ls_abs_structure_Flack_esd               ? 
_refine.ls_abs_structure_Rogers                  ? 
_refine.ls_abs_structure_Rogers_esd              ? 
_refine.ls_d_res_high                            1.101 
_refine.ls_d_res_low                             9.528 
_refine.ls_extinction_coef                       ? 
_refine.ls_extinction_coef_esd                   ? 
_refine.ls_extinction_expression                 ? 
_refine.ls_extinction_method                     ? 
_refine.ls_goodness_of_fit_all                   ? 
_refine.ls_goodness_of_fit_all_esd               ? 
_refine.ls_goodness_of_fit_obs                   ? 
_refine.ls_goodness_of_fit_obs_esd               ? 
_refine.ls_hydrogen_treatment                    ? 
_refine.ls_matrix_type                           ? 
_refine.ls_number_constraints                    ? 
_refine.ls_number_parameters                     ? 
_refine.ls_number_reflns_all                     ? 
_refine.ls_number_reflns_obs                     1112 
_refine.ls_number_reflns_R_free                  112 
_refine.ls_number_reflns_R_work                  1000 
_refine.ls_number_restraints                     ? 
_refine.ls_percent_reflns_obs                    82.800 
_refine.ls_percent_reflns_R_free                 10.072 
_refine.ls_R_factor_all                          0.095 
_refine.ls_R_factor_obs                          ? 
_refine.ls_R_factor_R_free                       0.1120 
_refine.ls_R_factor_R_free_error                 ? 
_refine.ls_R_factor_R_free_error_details         ? 
_refine.ls_R_factor_R_work                       0.0932 
_refine.ls_R_Fsqd_factor_obs                     ? 
_refine.ls_R_I_factor_obs                        ? 
_refine.ls_redundancy_reflns_all                 ? 
_refine.ls_redundancy_reflns_obs                 ? 
_refine.ls_restrained_S_all                      ? 
_refine.ls_restrained_S_obs                      ? 
_refine.ls_shift_over_esd_max                    ? 
_refine.ls_shift_over_esd_mean                   ? 
_refine.ls_structure_factor_coef                 ? 
_refine.ls_weighting_details                     ? 
_refine.ls_weighting_scheme                      ? 
_refine.ls_wR_factor_all                         ? 
_refine.ls_wR_factor_obs                         ? 
_refine.ls_wR_factor_R_free                      ? 
_refine.ls_wR_factor_R_work                      ? 
_refine.occupancy_max                            ? 
_refine.occupancy_min                            ? 
_refine.solvent_model_details                    'MASK BULK SOLVENT' 
_refine.solvent_model_param_bsol                 ? 
_refine.solvent_model_param_ksol                 ? 
_refine.pdbx_R_complete                          ? 
_refine.ls_R_factor_gt                           ? 
_refine.ls_goodness_of_fit_gt                    ? 
_refine.ls_goodness_of_fit_ref                   ? 
_refine.ls_shift_over_su_max                     ? 
_refine.ls_shift_over_su_max_lt                  ? 
_refine.ls_shift_over_su_mean                    ? 
_refine.ls_shift_over_su_mean_lt                 ? 
_refine.pdbx_ls_sigma_I                          ? 
_refine.pdbx_ls_sigma_F                          ? 
_refine.pdbx_ls_sigma_Fsqd                       ? 
_refine.pdbx_data_cutoff_high_absF               ? 
_refine.pdbx_data_cutoff_high_rms_absF           ? 
_refine.pdbx_data_cutoff_low_absF                ? 
_refine.pdbx_isotropic_thermal_model             ? 
_refine.pdbx_ls_cross_valid_method               'FREE R-VALUE' 
_refine.pdbx_method_to_determine_struct          'AB INITIO PHASING' 
_refine.pdbx_starting_model                      ? 
_refine.pdbx_stereochemistry_target_values       ? 
_refine.pdbx_R_Free_selection_details            ? 
_refine.pdbx_stereochem_target_val_spec_case     ? 
_refine.pdbx_overall_ESU_R                       0.032 
_refine.pdbx_overall_ESU_R_Free                  0.029 
_refine.pdbx_solvent_vdw_probe_radii             1.200 
_refine.pdbx_solvent_ion_probe_radii             0.800 
_refine.pdbx_solvent_shrinkage_radii             0.800 
_refine.pdbx_real_space_R                        ? 
_refine.pdbx_density_correlation                 ? 
_refine.pdbx_pd_number_of_powder_patterns        ? 
_refine.pdbx_pd_number_of_points                 ? 
_refine.pdbx_pd_meas_number_of_points            ? 
_refine.pdbx_pd_proc_ls_prof_R_factor            ? 
_refine.pdbx_pd_proc_ls_prof_wR_factor           ? 
_refine.pdbx_pd_Marquardt_correlation_coeff      ? 
_refine.pdbx_pd_Fsqrd_R_factor                   ? 
_refine.pdbx_pd_ls_matrix_band_width             ? 
_refine.pdbx_overall_phase_error                 ? 
_refine.pdbx_overall_SU_R_free_Cruickshank_DPI   ? 
_refine.pdbx_overall_SU_R_free_Blow_DPI          ? 
_refine.pdbx_overall_SU_R_Blow_DPI               ? 
_refine.pdbx_TLS_residual_ADP_flag               ? 
_refine.pdbx_diffrn_id                           1 
_refine.overall_SU_B                             ? 
_refine.overall_SU_ML                            ? 
_refine.overall_SU_R_Cruickshank_DPI             ? 
_refine.overall_SU_R_free                        ? 
_refine.overall_FOM_free_R_set                   ? 
_refine.overall_FOM_work_R_set                   ? 
_refine.pdbx_average_fsc_overall                 ? 
_refine.pdbx_average_fsc_work                    ? 
_refine.pdbx_average_fsc_free                    ? 
# 
_refine_hist.pdbx_refine_id                   'X-RAY DIFFRACTION' 
_refine_hist.cycle_id                         LAST 
_refine_hist.pdbx_number_atoms_protein        44 
_refine_hist.pdbx_number_atoms_nucleic_acid   0 
_refine_hist.pdbx_number_atoms_ligand         0 
_refine_hist.number_atoms_solvent             2 
_refine_hist.number_atoms_total               46 
_refine_hist.d_res_high                       1.101 
_refine_hist.d_res_low                        9.528 
# 
loop_
_refine_ls_restr.pdbx_refine_id 
_refine_ls_restr.criterion 
_refine_ls_restr.dev_ideal 
_refine_ls_restr.dev_ideal_target 
_refine_ls_restr.number 
_refine_ls_restr.rejects 
_refine_ls_restr.type 
_refine_ls_restr.weight 
_refine_ls_restr.pdbx_restraint_function 
'X-RAY DIFFRACTION' ? 0.012 0.012  42  ? r_bond_refined_d               ? ? 
'X-RAY DIFFRACTION' ? 0.029 0.017  48  ? r_bond_other_d                 ? ? 
'X-RAY DIFFRACTION' ? 1.489 1.529  54  ? r_angle_refined_deg            ? ? 
'X-RAY DIFFRACTION' ? 1.221 1.548  106 ? r_angle_other_deg              ? ? 
'X-RAY DIFFRACTION' ? 6.759 5.000  6   ? r_dihedral_angle_1_deg         ? ? 
'X-RAY DIFFRACTION' ? 2.322 15.000 2   ? r_dihedral_angle_3_deg         ? ? 
'X-RAY DIFFRACTION' ? 0.096 0.200  4   ? r_chiral_restr                 ? ? 
'X-RAY DIFFRACTION' ? 0.009 0.020  42  ? r_gen_planes_refined           ? ? 
'X-RAY DIFFRACTION' ? 0.000 0.020  6   ? r_gen_planes_other             ? ? 
'X-RAY DIFFRACTION' ? 0.063 0.200  1   ? r_nbd_refined                  ? ? 
'X-RAY DIFFRACTION' ? 0.209 0.200  1   ? r_xyhbond_nbd_refined          ? ? 
'X-RAY DIFFRACTION' ? 0.011 0.200  1   ? r_symmetry_nbd_refined         ? ? 
'X-RAY DIFFRACTION' ? 0.005 0.200  1   ? r_symmetry_xyhbond_nbd_refined ? ? 
'X-RAY DIFFRACTION' ? 0.944 0.514  30  ? r_mcbond_it                    ? ? 
'X-RAY DIFFRACTION' ? 0.817 0.506  28  ? r_mcbond_other                 ? ? 
'X-RAY DIFFRACTION' ? 1.053 0.776  34  ? r_mcangle_it                   ? ? 
'X-RAY DIFFRACTION' ? 1.057 0.776  34  ? r_mcangle_other                ? ? 
'X-RAY DIFFRACTION' ? 0.541 0.537  12  ? r_scbond_it                    ? ? 
'X-RAY DIFFRACTION' ? 0.520 0.548  13  ? r_scbond_other                 ? ? 
'X-RAY DIFFRACTION' ? 0.438 0.793  20  ? r_scangle_it                   ? ? 
'X-RAY DIFFRACTION' ? 0.618 0.800  21  ? r_scangle_other                ? ? 
'X-RAY DIFFRACTION' ? 1.434 3.976  10  ? r_lrange_it                    ? ? 
'X-RAY DIFFRACTION' ? 2.406 3.000  90  ? r_rigid_bond_restr             ? ? 
# 
loop_
_refine_ls_shell.pdbx_refine_id 
_refine_ls_shell.d_res_high 
_refine_ls_shell.d_res_low 
_refine_ls_shell.number_reflns_all 
_refine_ls_shell.number_reflns_obs 
_refine_ls_shell.number_reflns_R_free 
_refine_ls_shell.number_reflns_R_work 
_refine_ls_shell.percent_reflns_obs 
_refine_ls_shell.percent_reflns_R_free 
_refine_ls_shell.R_factor_all 
_refine_ls_shell.R_factor_obs 
_refine_ls_shell.R_factor_R_free_error 
_refine_ls_shell.R_factor_R_work 
_refine_ls_shell.redundancy_reflns_all 
_refine_ls_shell.redundancy_reflns_obs 
_refine_ls_shell.wR_factor_all 
_refine_ls_shell.wR_factor_obs 
_refine_ls_shell.wR_factor_R_free 
_refine_ls_shell.wR_factor_R_work 
_refine_ls_shell.pdbx_R_complete 
_refine_ls_shell.pdbx_total_number_of_bins_used 
_refine_ls_shell.pdbx_phase_error 
_refine_ls_shell.pdbx_fsc_work 
_refine_ls_shell.pdbx_fsc_free 
_refine_ls_shell.R_factor_R_free 
'X-RAY DIFFRACTION' 1.101 1.229 388 . 21 185 53.0928 . 0.152 . . 0.153 . . . . . 0.128 . 5 . 0.983 0.986 0.145 
'X-RAY DIFFRACTION' 1.229 1.415 312 . 29 260 92.6282 . 0.131 . . 0.125 . . . . . 0.104 . 5 . 0.989 0.970 0.188 
'X-RAY DIFFRACTION' 1.415 1.723 300 . 29 258 95.6667 . 0.091 . . 0.089 . . . . . 0.084 . 5 . 0.995 0.995 0.113 
'X-RAY DIFFRACTION' 1.723 2.398 219 . 21 190 96.3470 . 0.079 . . 0.077 . . . . . 0.082 . 5 . 0.996 0.994 0.100 
'X-RAY DIFFRACTION' 2.398 9.528 122 . 12 107 97.5410 . 0.075 . . 0.073 . . . . . 0.086 . 5 . 0.997 0.995 0.086 
# 
_struct.entry_id                     9DYZ 
_struct.title                        'VVGG(DVA)(DVA)GG, a cyclic peptide of mixed chirality' 
_struct.pdbx_model_details           ? 
_struct.pdbx_formula_weight          ? 
_struct.pdbx_formula_weight_method   ? 
_struct.pdbx_model_type_details      ? 
_struct.pdbx_CASP_flag               N 
# 
_struct_keywords.entry_id        9DYZ 
_struct_keywords.text            'mixed chirality peptide, PROTEIN FIBRIL' 
_struct_keywords.pdbx_keywords   'PROTEIN FIBRIL' 
# 
loop_
_struct_asym.id 
_struct_asym.pdbx_blank_PDB_chainid_flag 
_struct_asym.pdbx_modified 
_struct_asym.entity_id 
_struct_asym.details 
A N N 1 ? 
B N N 2 ? 
# 
_struct_ref.id                         1 
_struct_ref.db_name                    PDB 
_struct_ref.db_code                    9DYZ 
_struct_ref.pdbx_db_accession          9DYZ 
_struct_ref.pdbx_db_isoform            ? 
_struct_ref.entity_id                  1 
_struct_ref.pdbx_seq_one_letter_code   ? 
_struct_ref.pdbx_align_begin           1 
# 
_struct_ref_seq.align_id                      1 
_struct_ref_seq.ref_id                        1 
_struct_ref_seq.pdbx_PDB_id_code              9DYZ 
_struct_ref_seq.pdbx_strand_id                AAA 
_struct_ref_seq.seq_align_beg                 1 
_struct_ref_seq.pdbx_seq_align_beg_ins_code   ? 
_struct_ref_seq.seq_align_end                 8 
_struct_ref_seq.pdbx_seq_align_end_ins_code   ? 
_struct_ref_seq.pdbx_db_accession             9DYZ 
_struct_ref_seq.db_align_beg                  1 
_struct_ref_seq.pdbx_db_align_beg_ins_code    ? 
_struct_ref_seq.db_align_end                  8 
_struct_ref_seq.pdbx_db_align_end_ins_code    ? 
_struct_ref_seq.pdbx_auth_seq_align_beg       1 
_struct_ref_seq.pdbx_auth_seq_align_end       8 
# 
_pdbx_struct_assembly.id                   1 
_pdbx_struct_assembly.details              author_defined_assembly 
_pdbx_struct_assembly.method_details       ? 
_pdbx_struct_assembly.oligomeric_details   monomeric 
_pdbx_struct_assembly.oligomeric_count     1 
# 
_pdbx_struct_assembly_gen.assembly_id       1 
_pdbx_struct_assembly_gen.oper_expression   1 
_pdbx_struct_assembly_gen.asym_id_list      A,B 
# 
_pdbx_struct_assembly_auth_evidence.id                     1 
_pdbx_struct_assembly_auth_evidence.assembly_id            1 
_pdbx_struct_assembly_auth_evidence.experimental_support   none 
_pdbx_struct_assembly_auth_evidence.details                ? 
# 
_pdbx_struct_oper_list.id                   1 
_pdbx_struct_oper_list.type                 'identity operation' 
_pdbx_struct_oper_list.name                 1_555 
_pdbx_struct_oper_list.symmetry_operation   x,y,z 
_pdbx_struct_oper_list.matrix[1][1]         1.0000000000 
_pdbx_struct_oper_list.matrix[1][2]         0.0000000000 
_pdbx_struct_oper_list.matrix[1][3]         0.0000000000 
_pdbx_struct_oper_list.vector[1]            0.0000000000 
_pdbx_struct_oper_list.matrix[2][1]         0.0000000000 
_pdbx_struct_oper_list.matrix[2][2]         1.0000000000 
_pdbx_struct_oper_list.matrix[2][3]         0.0000000000 
_pdbx_struct_oper_list.vector[2]            0.0000000000 
_pdbx_struct_oper_list.matrix[3][1]         0.0000000000 
_pdbx_struct_oper_list.matrix[3][2]         0.0000000000 
_pdbx_struct_oper_list.matrix[3][3]         1.0000000000 
_pdbx_struct_oper_list.vector[3]            0.0000000000 
# 
loop_
_struct_conn.id 
_struct_conn.conn_type_id 
_struct_conn.pdbx_leaving_atom_flag 
_struct_conn.pdbx_PDB_id 
_struct_conn.ptnr1_label_asym_id 
_struct_conn.ptnr1_label_comp_id 
_struct_conn.ptnr1_label_seq_id 
_struct_conn.ptnr1_label_atom_id 
_struct_conn.pdbx_ptnr1_label_alt_id 
_struct_conn.pdbx_ptnr1_PDB_ins_code 
_struct_conn.pdbx_ptnr1_standard_comp_id 
_struct_conn.ptnr1_symmetry 
_struct_conn.ptnr2_label_asym_id 
_struct_conn.ptnr2_label_comp_id 
_struct_conn.ptnr2_label_seq_id 
_struct_conn.ptnr2_label_atom_id 
_struct_conn.pdbx_ptnr2_label_alt_id 
_struct_conn.pdbx_ptnr2_PDB_ins_code 
_struct_conn.ptnr1_auth_asym_id 
_struct_conn.ptnr1_auth_comp_id 
_struct_conn.ptnr1_auth_seq_id 
_struct_conn.ptnr2_auth_asym_id 
_struct_conn.ptnr2_auth_comp_id 
_struct_conn.ptnr2_auth_seq_id 
_struct_conn.ptnr2_symmetry 
_struct_conn.pdbx_ptnr3_label_atom_id 
_struct_conn.pdbx_ptnr3_label_seq_id 
_struct_conn.pdbx_ptnr3_label_comp_id 
_struct_conn.pdbx_ptnr3_label_asym_id 
_struct_conn.pdbx_ptnr3_label_alt_id 
_struct_conn.pdbx_ptnr3_PDB_ins_code 
_struct_conn.details 
_struct_conn.pdbx_dist_value 
_struct_conn.pdbx_value_order 
_struct_conn.pdbx_role 
covale1 covale both ? A DVA 5 C B ? ? 1_555 A DVA 6 N B ? AAA DVA 5 AAA DVA 6 1_555 ? ? ? ? ? ? ? 1.335 ? ? 
covale2 covale both ? A DVA 5 N B ? ? 1_555 A GLY 8 C B ? AAA DVA 5 AAA GLY 8 2_666 ? ? ? ? ? ? ? 1.285 ? ? 
covale3 covale both ? A DVA 6 C B ? ? 1_555 A GLY 7 N B ? AAA DVA 6 AAA GLY 7 1_555 ? ? ? ? ? ? ? 1.329 ? ? 
# 
_struct_conn_type.id          covale 
_struct_conn_type.criteria    ? 
_struct_conn_type.reference   ? 
# 
_pdbx_modification_feature.ordinal                            1 
_pdbx_modification_feature.label_comp_id                      DVA 
_pdbx_modification_feature.label_asym_id                      A 
_pdbx_modification_feature.label_seq_id                       5 
_pdbx_modification_feature.label_alt_id                       B 
_pdbx_modification_feature.modified_residue_label_comp_id     GLY 
_pdbx_modification_feature.modified_residue_label_asym_id     A 
_pdbx_modification_feature.modified_residue_label_seq_id      8 
_pdbx_modification_feature.modified_residue_label_alt_id      B 
_pdbx_modification_feature.auth_comp_id                       DVA 
_pdbx_modification_feature.auth_asym_id                       AAA 
_pdbx_modification_feature.auth_seq_id                        5 
_pdbx_modification_feature.PDB_ins_code                       ? 
_pdbx_modification_feature.symmetry                           1_555 
_pdbx_modification_feature.modified_residue_auth_comp_id      GLY 
_pdbx_modification_feature.modified_residue_auth_asym_id      AAA 
_pdbx_modification_feature.modified_residue_auth_seq_id       8 
_pdbx_modification_feature.modified_residue_PDB_ins_code      ? 
_pdbx_modification_feature.modified_residue_symmetry          2_666 
_pdbx_modification_feature.comp_id_linking_atom               N 
_pdbx_modification_feature.modified_residue_id_linking_atom   C 
_pdbx_modification_feature.modified_residue_id                . 
_pdbx_modification_feature.ref_pcm_id                         . 
_pdbx_modification_feature.ref_comp_id                        . 
_pdbx_modification_feature.type                               None 
_pdbx_modification_feature.category                           'Non-standard linkage' 
# 
_pdbx_entry_details.entry_id                   9DYZ 
_pdbx_entry_details.nonpolymer_details         ? 
_pdbx_entry_details.sequence_details           ? 
_pdbx_entry_details.compound_details           ? 
_pdbx_entry_details.source_details             ? 
_pdbx_entry_details.has_ligand_of_interest     N 
_pdbx_entry_details.has_protein_modification   Y 
# 
loop_
_chem_comp_atom.comp_id 
_chem_comp_atom.atom_id 
_chem_comp_atom.type_symbol 
_chem_comp_atom.pdbx_aromatic_flag 
_chem_comp_atom.pdbx_stereo_config 
_chem_comp_atom.pdbx_ordinal 
DVA N    N N N 1  
DVA CA   C N R 2  
DVA CB   C N N 3  
DVA CG1  C N N 4  
DVA CG2  C N N 5  
DVA C    C N N 6  
DVA O    O N N 7  
DVA OXT  O N N 8  
DVA H    H N N 9  
DVA H2   H N N 10 
DVA HA   H N N 11 
DVA HB   H N N 12 
DVA HG11 H N N 13 
DVA HG12 H N N 14 
DVA HG13 H N N 15 
DVA HG21 H N N 16 
DVA HG22 H N N 17 
DVA HG23 H N N 18 
DVA HXT  H N N 19 
GLY N    N N N 20 
GLY CA   C N N 21 
GLY C    C N N 22 
GLY O    O N N 23 
GLY OXT  O N N 24 
GLY H    H N N 25 
GLY H2   H N N 26 
GLY HA2  H N N 27 
GLY HA3  H N N 28 
GLY HXT  H N N 29 
HOH O    O N N 30 
HOH H1   H N N 31 
HOH H2   H N N 32 
VAL N    N N N 33 
VAL CA   C N S 34 
VAL C    C N N 35 
VAL O    O N N 36 
VAL CB   C N N 37 
VAL CG1  C N N 38 
VAL CG2  C N N 39 
VAL OXT  O N N 40 
VAL H    H N N 41 
VAL H2   H N N 42 
VAL HA   H N N 43 
VAL HB   H N N 44 
VAL HG11 H N N 45 
VAL HG12 H N N 46 
VAL HG13 H N N 47 
VAL HG21 H N N 48 
VAL HG22 H N N 49 
VAL HG23 H N N 50 
VAL HXT  H N N 51 
# 
loop_
_chem_comp_bond.comp_id 
_chem_comp_bond.atom_id_1 
_chem_comp_bond.atom_id_2 
_chem_comp_bond.value_order 
_chem_comp_bond.pdbx_aromatic_flag 
_chem_comp_bond.pdbx_stereo_config 
_chem_comp_bond.pdbx_ordinal 
DVA N   CA   sing N N 1  
DVA N   H    sing N N 2  
DVA N   H2   sing N N 3  
DVA CA  CB   sing N N 4  
DVA CA  C    sing N N 5  
DVA CA  HA   sing N N 6  
DVA CB  CG1  sing N N 7  
DVA CB  CG2  sing N N 8  
DVA CB  HB   sing N N 9  
DVA CG1 HG11 sing N N 10 
DVA CG1 HG12 sing N N 11 
DVA CG1 HG13 sing N N 12 
DVA CG2 HG21 sing N N 13 
DVA CG2 HG22 sing N N 14 
DVA CG2 HG23 sing N N 15 
DVA C   O    doub N N 16 
DVA C   OXT  sing N N 17 
DVA OXT HXT  sing N N 18 
GLY N   CA   sing N N 19 
GLY N   H    sing N N 20 
GLY N   H2   sing N N 21 
GLY CA  C    sing N N 22 
GLY CA  HA2  sing N N 23 
GLY CA  HA3  sing N N 24 
GLY C   O    doub N N 25 
GLY C   OXT  sing N N 26 
GLY OXT HXT  sing N N 27 
HOH O   H1   sing N N 28 
HOH O   H2   sing N N 29 
VAL N   CA   sing N N 30 
VAL N   H    sing N N 31 
VAL N   H2   sing N N 32 
VAL CA  C    sing N N 33 
VAL CA  CB   sing N N 34 
VAL CA  HA   sing N N 35 
VAL C   O    doub N N 36 
VAL C   OXT  sing N N 37 
VAL CB  CG1  sing N N 38 
VAL CB  CG2  sing N N 39 
VAL CB  HB   sing N N 40 
VAL CG1 HG11 sing N N 41 
VAL CG1 HG12 sing N N 42 
VAL CG1 HG13 sing N N 43 
VAL CG2 HG21 sing N N 44 
VAL CG2 HG22 sing N N 45 
VAL CG2 HG23 sing N N 46 
VAL OXT HXT  sing N N 47 
# 
loop_
_pdbx_audit_support.funding_organization 
_pdbx_audit_support.country 
_pdbx_audit_support.grant_number 
_pdbx_audit_support.ordinal 
'National Institutes of Health/National Institute on Aging (NIH/NIA)' 'United States' R01AG070895 1 
'National Institutes of Health/National Institute on Aging (NIH/NIA)' 'United States' R01AG048120 2 
'National Institutes of Health/National Institute on Aging (NIH/NIA)' 'United States' R01AG074954 3 
# 
_atom_sites.entry_id                    9DYZ 
_atom_sites.Cartn_transf_matrix[1][1]   ? 
_atom_sites.Cartn_transf_matrix[1][2]   ? 
_atom_sites.Cartn_transf_matrix[1][3]   ? 
_atom_sites.Cartn_transf_matrix[2][1]   ? 
_atom_sites.Cartn_transf_matrix[2][2]   ? 
_atom_sites.Cartn_transf_matrix[2][3]   ? 
_atom_sites.Cartn_transf_matrix[3][1]   ? 
_atom_sites.Cartn_transf_matrix[3][2]   ? 
_atom_sites.Cartn_transf_matrix[3][3]   ? 
_atom_sites.Cartn_transf_vector[1]      ? 
_atom_sites.Cartn_transf_vector[2]      ? 
_atom_sites.Cartn_transf_vector[3]      ? 
_atom_sites.Cartn_transform_axes        ? 
_atom_sites.fract_transf_matrix[1][1]   -0.00118024 
_atom_sites.fract_transf_matrix[1][2]   -0.02310124 
_atom_sites.fract_transf_matrix[1][3]   -0.05340201 
_atom_sites.fract_transf_matrix[2][1]   0.09681208 
_atom_sites.fract_transf_matrix[2][2]   -0.00130591 
_atom_sites.fract_transf_matrix[2][3]   -0.02277048 
_atom_sites.fract_transf_matrix[3][1]   0.04616522 
_atom_sites.fract_transf_matrix[3][2]   -0.19737388 
_atom_sites.fract_transf_matrix[3][3]   0.05741692 
_atom_sites.fract_transf_vector[1]      0.502093 
_atom_sites.fract_transf_vector[2]      0.502399 
_atom_sites.fract_transf_vector[3]      0.496906 
_atom_sites.solution_primary            ? 
_atom_sites.solution_secondary          ? 
_atom_sites.solution_hydrogens          ? 
_atom_sites.special_details             ? 
# 
loop_
_atom_type.symbol 
_atom_type.pdbx_scat_Z 
_atom_type.pdbx_N_electrons 
_atom_type.scat_Cromer_Mann_a1 
_atom_type.scat_Cromer_Mann_b1 
_atom_type.scat_Cromer_Mann_a2 
_atom_type.scat_Cromer_Mann_b2 
_atom_type.scat_Cromer_Mann_a3 
_atom_type.scat_Cromer_Mann_b3 
_atom_type.scat_Cromer_Mann_a4 
_atom_type.scat_Cromer_Mann_b4 
C 6 6 2.310  20.844 1.020 10.208 1.589 0.569  0.865 51.651 
H 1 1 0.493  10.511 0.323 26.126 0.140 3.142  0.041 57.800 
N 7 7 12.222 0.006  3.135 9.893  2.014 28.997 1.167 0.583  
O 8 8 3.049  13.277 2.287 5.701  1.546 0.324  0.867 32.909 
# 
loop_
_atom_site.group_PDB 
_atom_site.id 
_atom_site.type_symbol 
_atom_site.label_atom_id 
_atom_site.label_alt_id 
_atom_site.label_comp_id 
_atom_site.label_asym_id 
_atom_site.label_entity_id 
_atom_site.label_seq_id 
_atom_site.pdbx_PDB_ins_code 
_atom_site.Cartn_x 
_atom_site.Cartn_y 
_atom_site.Cartn_z 
_atom_site.occupancy 
_atom_site.B_iso_or_equiv 
_atom_site.pdbx_formal_charge 
_atom_site.auth_seq_id 
_atom_site.auth_comp_id 
_atom_site.auth_asym_id 
_atom_site.auth_atom_id 
_atom_site.pdbx_PDB_model_num 
_atom_site.calc_flag 
ATOM   1  N N    A VAL A 1 1 ? -3.281 -0.971 -2.891 0.500 5.322 0 1   VAL AAA N    1 ? 
ATOM   2  C CA   A VAL A 1 1 ? -3.445 -2.257 -3.644 0.500 4.977 0 1   VAL AAA CA   1 ? 
ATOM   3  C C    A VAL A 1 1 ? -2.088 -2.849 -4.013 0.500 5.893 0 1   VAL AAA C    1 ? 
ATOM   4  O O    A VAL A 1 1 ? -1.907 -4.106 -3.930 0.500 6.814 0 1   VAL AAA O    1 ? 
ATOM   5  C CB   A VAL A 1 1 ? -4.353 -2.073 -4.869 0.500 5.053 0 1   VAL AAA CB   1 ? 
ATOM   6  C CG1  A VAL A 1 1 ? -4.508 -3.407 -5.599 0.500 5.395 0 1   VAL AAA CG1  1 ? 
ATOM   7  C CG2  A VAL A 1 1 ? -5.727 -1.524 -4.504 0.500 5.616 0 1   VAL AAA CG2  1 ? 
ATOM   8  H H1   A VAL A 1 1 ? -2.798 -0.338 -3.333 0.500 5.298 0 1   VAL AAA H1   1 c 
ATOM   9  H HA   A VAL A 1 1 ? -3.884 -2.888 -3.047 0.500 5.135 0 1   VAL AAA HA   1 c 
ATOM   10 H HB   A VAL A 1 1 ? -3.914 -1.433 -5.482 0.500 5.116 0 1   VAL AAA HB   1 c 
ATOM   11 H HG11 A VAL A 1 1 ? -3.632 -3.738 -5.860 0.500 5.322 0 1   VAL AAA HG11 1 c 
ATOM   12 H HG12 A VAL A 1 1 ? -5.057 -3.281 -6.393 0.500 5.390 0 1   VAL AAA HG12 1 c 
ATOM   13 H HG13 A VAL A 1 1 ? -4.936 -4.052 -5.009 0.500 5.374 0 1   VAL AAA HG13 1 c 
ATOM   14 H HG21 A VAL A 1 1 ? -6.170 -2.137 -3.893 0.500 5.582 0 1   VAL AAA HG21 1 c 
ATOM   15 H HG22 A VAL A 1 1 ? -6.262 -1.427 -5.310 0.500 5.514 0 1   VAL AAA HG22 1 c 
ATOM   16 H HG23 A VAL A 1 1 ? -5.627 -0.656 -4.076 0.500 5.540 0 1   VAL AAA HG23 1 c 
ATOM   17 N N    A VAL A 1 2 ? -1.201 -2.040 -4.551 0.500 3.950 0 2   VAL AAA N    1 ? 
ATOM   18 C CA   A VAL A 1 2 ? 0.178  -2.486 -4.859 0.500 3.950 0 2   VAL AAA CA   1 ? 
ATOM   19 C C    A VAL A 1 2 ? 1.110  -1.463 -4.230 0.500 4.011 0 2   VAL AAA C    1 ? 
ATOM   20 O O    A VAL A 1 2 ? 1.022  -0.296 -4.640 0.500 5.098 0 2   VAL AAA O    1 ? 
ATOM   21 C CB   A VAL A 1 2 ? 0.416  -2.650 -6.364 0.500 4.414 0 2   VAL AAA CB   1 ? 
ATOM   22 C CG1  A VAL A 1 2 ? 1.868  -3.049 -6.612 0.500 4.948 0 2   VAL AAA CG1  1 ? 
ATOM   23 C CG2  A VAL A 1 2 ? -0.541 -3.667 -6.978 0.500 4.248 0 2   VAL AAA CG2  1 ? 
ATOM   24 H H    A VAL A 1 2 ? -1.373 -1.171 -4.765 0.500 4.145 0 2   VAL AAA H    1 c 
ATOM   25 H HA   A VAL A 1 2 ? 0.325  -3.345 -4.425 0.500 3.961 0 2   VAL AAA HA   1 c 
ATOM   26 H HB   A VAL A 1 2 ? 0.256  -1.774 -6.796 0.500 4.411 0 2   VAL AAA HB   1 c 
ATOM   27 H HG11 A VAL A 1 2 ? 2.458  -2.357 -6.268 0.500 4.837 0 2   VAL AAA HG11 1 c 
ATOM   28 H HG12 A VAL A 1 2 ? 2.017  -3.155 -7.568 0.500 4.922 0 2   VAL AAA HG12 1 c 
ATOM   29 H HG13 A VAL A 1 2 ? 2.056  -3.890 -6.160 0.500 4.803 0 2   VAL AAA HG13 1 c 
ATOM   30 H HG21 A VAL A 1 2 ? -0.410 -4.534 -6.554 0.500 4.277 0 2   VAL AAA HG21 1 c 
ATOM   31 H HG22 A VAL A 1 2 ? -0.365 -3.745 -7.932 0.500 4.266 0 2   VAL AAA HG22 1 c 
ATOM   32 H HG23 A VAL A 1 2 ? -1.458 -3.375 -6.839 0.500 4.266 0 2   VAL AAA HG23 1 c 
ATOM   33 N N    A GLY A 1 3 ? 1.956  -1.895 -3.315 0.500 3.872 0 3   GLY AAA N    1 ? 
ATOM   34 C CA   A GLY A 1 3 ? 2.791  -0.975 -2.551 0.500 4.211 0 3   GLY AAA CA   1 ? 
ATOM   35 C C    A GLY A 1 3 ? 2.720  -1.296 -1.070 0.500 3.808 0 3   GLY AAA C    1 ? 
ATOM   36 O O    A GLY A 1 3 ? 2.006  -2.194 -0.625 0.500 4.824 0 3   GLY AAA O    1 ? 
ATOM   37 H H    A GLY A 1 3 ? 2.063  -2.776 -3.114 0.500 3.858 0 3   GLY AAA H    1 c 
ATOM   38 H HA2  A GLY A 1 3 ? 3.728  -1.048 -2.863 0.500 3.929 0 3   GLY AAA HA2  1 c 
ATOM   39 H HA3  A GLY A 1 3 ? 2.479  -0.047 -2.706 0.500 4.087 0 3   GLY AAA HA3  1 c 
ATOM   40 N N    A GLY A 1 4 ? 3.493  -0.548 -0.296 0.500 4.579 0 4   GLY AAA N    1 ? 
ATOM   41 C CA   A GLY A 1 4 ? 3.372  -0.612 1.142  0.500 4.411 0 4   GLY AAA CA   1 ? 
ATOM   42 C C    A GLY A 1 4 ? 3.822  0.696  1.759  0.500 4.496 0 4   GLY AAA C    1 ? 
ATOM   43 O O    A GLY A 1 4 ? 4.589  1.441  1.138  0.500 4.980 0 4   GLY AAA O    1 ? 
ATOM   44 H H    A GLY A 1 4 ? 4.122  0.027  -0.618 0.500 4.374 0 4   GLY AAA H    1 c 
ATOM   45 H HA2  A GLY A 1 4 ? 2.428  -0.789 1.384  0.500 4.306 0 4   GLY AAA HA2  1 c 
ATOM   46 H HA3  A GLY A 1 4 ? 3.932  -1.353 1.486  0.500 4.524 0 4   GLY AAA HA3  1 c 
HETATM 47 N N    B DVA A 1 5 ? 3.302  0.924  2.960  0.500 4.980 0 5   DVA AAA N    1 ? 
HETATM 48 C CA   B DVA A 1 5 ? 3.467  2.188  3.654  0.500 5.056 0 5   DVA AAA CA   1 ? 
HETATM 49 C CB   B DVA A 1 5 ? 4.318  2.057  4.929  0.500 5.501 0 5   DVA AAA CB   1 ? 
HETATM 50 C CG1  B DVA A 1 5 ? 4.448  3.400  5.660  0.500 5.932 0 5   DVA AAA CG1  1 ? 
HETATM 51 C CG2  B DVA A 1 5 ? 5.707  1.529  4.605  0.500 5.816 0 5   DVA AAA CG2  1 ? 
HETATM 52 C C    B DVA A 1 5 ? 2.081  2.756  3.854  0.500 4.582 0 5   DVA AAA C    1 ? 
HETATM 53 O O    B DVA A 1 5 ? 1.787  3.791  3.259  0.500 6.648 0 5   DVA AAA O    1 ? 
HETATM 54 H H    B DVA A 1 5 ? 2.772  0.192  3.410  0.500 4.756 0 5   DVA AAA H    1 c 
HETATM 55 H HA   B DVA A 1 5 ? 3.942  2.789  3.051  0.500 4.945 0 5   DVA AAA HA   1 c 
HETATM 56 H HB   B DVA A 1 5 ? 3.871  1.414  5.532  0.500 5.424 0 5   DVA AAA HB   1 c 
HETATM 57 H HG11 B DVA A 1 5 ? 4.971  3.280  6.471  0.500 5.927 0 5   DVA AAA HG11 1 c 
HETATM 58 H HG12 B DVA A 1 5 ? 3.563  3.731  5.890  0.500 5.795 0 5   DVA AAA HG12 1 c 
HETATM 59 H HG13 B DVA A 1 5 ? 4.894  4.043  5.081  0.500 5.922 0 5   DVA AAA HG13 1 c 
HETATM 60 H HG21 B DVA A 1 5 ? 6.221  1.438  5.426  0.500 5.709 0 5   DVA AAA HG21 1 c 
HETATM 61 H HG22 B DVA A 1 5 ? 6.160  2.149  4.007  0.500 5.835 0 5   DVA AAA HG22 1 c 
HETATM 62 H HG23 B DVA A 1 5 ? 5.633  0.661  4.172  0.500 5.790 0 5   DVA AAA HG23 1 c 
HETATM 63 N N    B DVA A 1 6 ? 1.243  2.092  4.652  0.500 4.758 0 6   DVA AAA N    1 ? 
HETATM 64 C CA   B DVA A 1 6 ? -0.122 2.518  4.862  0.500 5.485 0 6   DVA AAA CA   1 ? 
HETATM 65 C CB   B DVA A 1 6 ? -0.431 2.695  6.357  0.500 6.311 0 6   DVA AAA CB   1 ? 
HETATM 66 C CG1  B DVA A 1 6 ? -1.847 3.224  6.550  0.500 6.635 0 6   DVA AAA CG1  1 ? 
HETATM 67 C CG2  B DVA A 1 6 ? 0.584  3.606  7.035  0.500 7.232 0 6   DVA AAA CG2  1 ? 
HETATM 68 C C    B DVA A 1 6 ? -1.041 1.483  4.237  0.500 5.459 0 6   DVA AAA C    1 ? 
HETATM 69 O O    B DVA A 1 6 ? -1.116 0.351  4.736  0.500 6.601 0 6   DVA AAA O    1 ? 
HETATM 70 H H    B DVA A 1 6 ? 1.571  1.263  5.127  0.500 4.743 0 6   DVA AAA H    1 c 
HETATM 71 H HA   B DVA A 1 6 ? -0.256 3.370  4.410  0.500 5.464 0 6   DVA AAA HA   1 c 
HETATM 72 H HB   B DVA A 1 6 ? -0.376 1.805  6.783  0.500 6.167 0 6   DVA AAA HB   1 c 
HETATM 73 H HG11 B DVA A 1 6 ? -2.028 3.330  7.500  0.500 6.519 0 6   DVA AAA HG11 1 c 
HETATM 74 H HG12 B DVA A 1 6 ? -2.483 2.595  6.168  0.500 6.619 0 6   DVA AAA HG12 1 c 
HETATM 75 H HG13 B DVA A 1 6 ? -1.935 4.085  6.107  0.500 6.632 0 6   DVA AAA HG13 1 c 
HETATM 76 H HG21 B DVA A 1 6 ? 0.353  3.706  7.975  0.500 7.040 0 6   DVA AAA HG21 1 c 
HETATM 77 H HG22 B DVA A 1 6 ? 0.577  4.478  6.605  0.500 7.161 0 6   DVA AAA HG22 1 c 
HETATM 78 H HG23 B DVA A 1 6 ? 1.472  3.214  6.961  0.500 7.103 0 6   DVA AAA HG23 1 c 
ATOM   79 N N    B GLY A 1 7 ? -1.780 1.921  3.222  0.500 4.917 0 7   GLY AAA N    1 ? 
ATOM   80 C CA   B GLY A 1 7 ? -2.637 1.017  2.500  0.500 6.288 0 7   GLY AAA CA   1 ? 
ATOM   81 C C    B GLY A 1 7 ? -2.674 1.327  1.026  0.500 6.801 0 7   GLY AAA C    1 ? 
ATOM   82 O O    B GLY A 1 7 ? -1.898 2.157  0.518  0.500 7.114 0 7   GLY AAA O    1 ? 
ATOM   83 H H    B GLY A 1 7 ? -1.744 2.893  2.951  0.500 5.290 0 7   GLY AAA H    1 c 
ATOM   84 H HA2  B GLY A 1 7 ? -2.314 0.092  2.632  0.500 6.188 0 7   GLY AAA HA2  1 c 
ATOM   85 H HA3  B GLY A 1 7 ? -3.553 1.078  2.870  0.500 6.122 0 7   GLY AAA HA3  1 c 
ATOM   86 N N    B GLY A 1 8 ? -3.564 0.611  0.341  0.500 6.001 0 8   GLY AAA N    1 ? 
ATOM   87 C CA   B GLY A 1 8 ? -3.604 0.605  -1.105 0.500 6.825 0 8   GLY AAA CA   1 ? 
ATOM   88 C C    B GLY A 1 8 ? -3.796 -0.781 -1.687 0.500 5.822 0 8   GLY AAA C    1 ? 
ATOM   89 O O    B GLY A 1 8 ? -4.424 -1.652 -1.034 0.500 6.201 0 8   GLY AAA O    1 ? 
ATOM   90 H H    B GLY A 1 8 ? -4.192 0.090  0.745  0.500 6.156 0 8   GLY AAA H    1 c 
ATOM   91 H HA2  B GLY A 1 8 ? -4.345 1.188  -1.406 0.500 6.701 0 8   GLY AAA HA2  1 c 
ATOM   92 H HA3  B GLY A 1 8 ? -2.758 0.987  -1.449 0.500 6.503 0 8   GLY AAA HA3  1 c 
HETATM 93 O O    A HOH B 2 . ? -0.881 -3.250 -1.386 0.500 8.038 0 101 HOH AAA O    1 ? 
HETATM 94 O O    . HOH B 2 . ? -0.894 -1.138 0.008  1.000 9.367 0 102 HOH AAA O    1 ? 
# 
loop_
_atom_site_anisotrop.id 
_atom_site_anisotrop.type_symbol 
_atom_site_anisotrop.pdbx_label_atom_id 
_atom_site_anisotrop.pdbx_label_alt_id 
_atom_site_anisotrop.pdbx_label_comp_id 
_atom_site_anisotrop.pdbx_label_asym_id 
_atom_site_anisotrop.pdbx_label_seq_id 
_atom_site_anisotrop.pdbx_PDB_ins_code 
_atom_site_anisotrop.U[1][1] 
_atom_site_anisotrop.U[2][2] 
_atom_site_anisotrop.U[3][3] 
_atom_site_anisotrop.U[1][2] 
_atom_site_anisotrop.U[1][3] 
_atom_site_anisotrop.U[2][3] 
_atom_site_anisotrop.pdbx_auth_seq_id 
_atom_site_anisotrop.pdbx_auth_comp_id 
_atom_site_anisotrop.pdbx_auth_asym_id 
_atom_site_anisotrop.pdbx_auth_atom_id 
1  N N    A VAL A 1 ? 0.0572 0.0698 0.0739 0.0209  -0.0437 0.0053  1   VAL AAA N    
2  C CA   A VAL A 1 ? 0.0461 0.0649 0.0780 0.0181  -0.0421 0.0127  1   VAL AAA CA   
3  C C    A VAL A 1 ? 0.0437 0.0797 0.1006 0.0165  -0.0350 0.0207  1   VAL AAA C    
4  O O    A VAL A 1 ? 0.0459 0.0735 0.1396 0.0134  -0.0454 0.0277  1   VAL AAA O    
5  C CB   A VAL A 1 ? 0.0407 0.0687 0.0817 0.0132  -0.0448 0.0069  1   VAL AAA CB   
6  C CG1  A VAL A 1 ? 0.0479 0.0817 0.0753 0.0127  -0.0351 -0.0054 1   VAL AAA CG1  
7  C CG2  A VAL A 1 ? 0.0517 0.0904 0.0719 0.0216  -0.0376 -0.0043 1   VAL AAA CG2  
8  H H1   A VAL A 1 ? 0.0514 0.0722 0.0773 0.0218  -0.0454 0.0082  1   VAL AAA H1   
9  H HA   A VAL A 1 ? 0.0460 0.0684 0.0806 0.0165  -0.0408 0.0129  1   VAL AAA HA   
10 H HB   A VAL A 1 ? 0.0447 0.0728 0.0775 0.0154  -0.0408 0.0052  1   VAL AAA HB   
11 H HG11 A VAL A 1 ? 0.0464 0.0786 0.0780 0.0132  -0.0377 -0.0018 1   VAL AAA HG11 
12 H HG12 A VAL A 1 ? 0.0466 0.0782 0.0802 0.0132  -0.0370 -0.0020 1   VAL AAA HG12 
13 H HG13 A VAL A 1 ? 0.0464 0.0788 0.0788 0.0138  -0.0390 -0.0022 1   VAL AAA HG13 
14 H HG21 A VAL A 1 ? 0.0490 0.0865 0.0765 0.0200  -0.0409 -0.0023 1   VAL AAA HG21 
15 H HG22 A VAL A 1 ? 0.0485 0.0845 0.0770 0.0195  -0.0403 -0.0011 1   VAL AAA HG22 
16 H HG23 A VAL A 1 ? 0.0484 0.0866 0.0760 0.0195  -0.0408 0.0002  1   VAL AAA HG23 
17 N N    A VAL A 2 ? 0.0444 0.0513 0.0543 0.0170  -0.0397 -0.0030 2   VAL AAA N    
18 C CA   A VAL A 2 ? 0.0509 0.0454 0.0537 0.0246  -0.0383 -0.0027 2   VAL AAA CA   
19 C C    A VAL A 2 ? 0.0409 0.0429 0.0692 0.0265  -0.0315 -0.0018 2   VAL AAA C    
20 O O    A VAL A 2 ? 0.0525 0.0488 0.0917 0.0254  -0.0463 0.0082  2   VAL AAA O    
21 C CB   A VAL A 2 ? 0.0525 0.0630 0.0515 0.0194  -0.0421 0.0012  2   VAL AAA CB   
22 C CG1  A VAL A 2 ? 0.0509 0.0674 0.0697 0.0225  -0.0451 0.0063  2   VAL AAA CG1  
23 C CG2  A VAL A 2 ? 0.0526 0.0596 0.0488 0.0242  -0.0397 -0.0023 2   VAL AAA CG2  
24 H H    A VAL A 2 ? 0.0449 0.0532 0.0589 0.0191  -0.0396 0.0013  2   VAL AAA H    
25 H HA   A VAL A 2 ? 0.0482 0.0459 0.0558 0.0233  -0.0378 -0.0006 2   VAL AAA HA   
26 H HB   A VAL A 2 ? 0.0515 0.0619 0.0546 0.0221  -0.0418 -0.0004 2   VAL AAA HB   
27 H HG11 A VAL A 2 ? 0.0515 0.0671 0.0644 0.0228  -0.0445 0.0049  2   VAL AAA HG11 
28 H HG12 A VAL A 2 ? 0.0518 0.0664 0.0698 0.0212  -0.0459 0.0054  2   VAL AAA HG12 
29 H HG13 A VAL A 2 ? 0.0515 0.0667 0.0648 0.0216  -0.0451 0.0051  2   VAL AAA HG13 
30 H HG21 A VAL A 2 ? 0.0526 0.0609 0.0496 0.0230  -0.0403 -0.0012 2   VAL AAA HG21 
31 H HG22 A VAL A 2 ? 0.0525 0.0608 0.0487 0.0229  -0.0405 -0.0015 2   VAL AAA HG22 
32 H HG23 A VAL A 2 ? 0.0517 0.0609 0.0495 0.0229  -0.0400 -0.0012 2   VAL AAA HG23 
33 N N    A GLY A 3 ? 0.0475 0.0373 0.0632 0.0161  -0.0378 -0.0028 3   GLY AAA N    
34 C CA   A GLY A 3 ? 0.0398 0.0499 0.0703 0.0212  -0.0422 -0.0094 3   GLY AAA CA   
35 C C    A GLY A 3 ? 0.0486 0.0306 0.0658 0.0163  -0.0467 -0.0062 3   GLY AAA C    
36 O O    A GLY A 3 ? 0.0789 0.0446 0.0595 -0.0014 -0.0337 -0.0119 3   GLY AAA O    
37 H H    A GLY A 3 ? 0.0428 0.0379 0.0653 0.0203  -0.0377 -0.0033 3   GLY AAA H    
38 H HA2  A GLY A 3 ? 0.0396 0.0425 0.0668 0.0191  -0.0409 -0.0069 3   GLY AAA HA2  
39 H HA3  A GLY A 3 ? 0.0420 0.0465 0.0665 0.0184  -0.0427 -0.0076 3   GLY AAA HA3  
40 N N    A GLY A 4 ? 0.0542 0.0537 0.0671 0.0072  -0.0474 -0.0116 4   GLY AAA N    
41 C CA   A GLY A 4 ? 0.0423 0.0568 0.0679 0.0092  -0.0448 -0.0179 4   GLY AAA CA   
42 C C    A GLY A 4 ? 0.0556 0.0488 0.0657 0.0163  -0.0541 -0.0114 4   GLY AAA C    
43 O O    A GLY A 4 ? 0.0655 0.0683 0.0553 0.0043  -0.0374 -0.0178 4   GLY AAA O    
44 H H    A GLY A 4 ? 0.0509 0.0486 0.0675 0.0106  -0.0476 -0.0117 4   GLY AAA H    
45 H HA2  A GLY A 4 ? 0.0427 0.0548 0.0665 0.0094  -0.0467 -0.0144 4   GLY AAA HA2  
46 H HA3  A GLY A 4 ? 0.0479 0.0567 0.0675 0.0084  -0.0473 -0.0158 4   GLY AAA HA3  
47 N N    B DVA A 5 ? 0.0542 0.0589 0.0769 0.0095  -0.0298 -0.0088 5   DVA AAA N    
48 C CA   B DVA A 5 ? 0.0600 0.0587 0.0734 0.0121  -0.0347 -0.0064 5   DVA AAA CA   
49 C CB   B DVA A 5 ? 0.0497 0.0675 0.0918 0.0055  -0.0441 -0.0001 5   DVA AAA CB   
50 C CG1  B DVA A 5 ? 0.0503 0.0683 0.1064 0.0115  -0.0405 -0.0084 5   DVA AAA CG1  
51 C CG2  B DVA A 5 ? 0.0563 0.0738 0.0910 0.0189  -0.0507 0.0008  5   DVA AAA CG2  
52 C C    B DVA A 5 ? 0.0677 0.0407 0.0656 0.0176  -0.0463 -0.0116 5   DVA AAA C    
53 O O    B DVA A 5 ? 0.0631 0.0665 0.1224 0.0263  -0.0297 0.0316  5   DVA AAA O    
54 H H    B DVA A 5 ? 0.0549 0.0548 0.0723 0.0108  -0.0366 -0.0073 5   DVA AAA H    
55 H HA   B DVA A 5 ? 0.0585 0.0556 0.0739 0.0116  -0.0376 -0.0061 5   DVA AAA HA   
56 H HB   B DVA A 5 ? 0.0522 0.0650 0.0888 0.0091  -0.0421 -0.0012 5   DVA AAA HB   
57 H HG11 B DVA A 5 ? 0.0514 0.0681 0.1055 0.0090  -0.0401 -0.0067 5   DVA AAA HG11 
58 H HG12 B DVA A 5 ? 0.0489 0.0685 0.1027 0.0099  -0.0408 -0.0057 5   DVA AAA HG12 
59 H HG13 B DVA A 5 ? 0.0509 0.0698 0.1042 0.0103  -0.0422 -0.0074 5   DVA AAA HG13 
60 H HG21 B DVA A 5 ? 0.0540 0.0727 0.0903 0.0142  -0.0495 0.0008  5   DVA AAA HG21 
61 H HG22 B DVA A 5 ? 0.0553 0.0732 0.0935 0.0158  -0.0495 -0.0011 5   DVA AAA HG22 
62 H HG23 B DVA A 5 ? 0.0541 0.0738 0.0921 0.0141  -0.0491 0.0011  5   DVA AAA HG23 
63 N N    B DVA A 6 ? 0.0568 0.0500 0.0741 0.0166  -0.0501 -0.0013 6   DVA AAA N    
64 C CA   B DVA A 6 ? 0.0584 0.0604 0.0892 0.0213  -0.0646 -0.0177 6   DVA AAA CA   
65 C CB   B DVA A 6 ? 0.0733 0.0772 0.0884 0.0143  -0.0514 -0.0062 6   DVA AAA CB   
66 C CG1  B DVA A 6 ? 0.0764 0.0905 0.0851 0.0162  -0.0448 -0.0090 6   DVA AAA CG1  
67 C CG2  B DVA A 6 ? 0.0901 0.0940 0.0920 0.0162  -0.0643 -0.0190 6   DVA AAA CG2  
68 C C    B DVA A 6 ? 0.0601 0.0594 0.0875 0.0147  -0.0607 -0.0113 6   DVA AAA C    
69 O O    B DVA A 6 ? 0.0853 0.0562 0.1085 0.0145  -0.0632 -0.0039 6   DVA AAA O    
70 H H    B DVA A 6 ? 0.0589 0.0478 0.0733 0.0195  -0.0541 -0.0063 6   DVA AAA H    
71 H HA   B DVA A 6 ? 0.0588 0.0634 0.0858 0.0172  -0.0597 -0.0124 6   DVA AAA HA   
72 H HB   B DVA A 6 ? 0.0720 0.0752 0.0868 0.0169  -0.0560 -0.0093 6   DVA AAA HB   
73 H HG11 B DVA A 6 ? 0.0758 0.0873 0.0849 0.0152  -0.0466 -0.0083 6   DVA AAA HG11 
74 H HG12 B DVA A 6 ? 0.0768 0.0879 0.0863 0.0167  -0.0458 -0.0080 6   DVA AAA HG12 
75 H HG13 B DVA A 6 ? 0.0765 0.0888 0.0867 0.0157  -0.0465 -0.0096 6   DVA AAA HG13 
76 H HG21 B DVA A 6 ? 0.0849 0.0900 0.0931 0.0153  -0.0609 -0.0149 6   DVA AAA HG21 
77 H HG22 B DVA A 6 ? 0.0852 0.0949 0.0929 0.0151  -0.0599 -0.0177 6   DVA AAA HG22 
78 H HG23 B DVA A 6 ? 0.0879 0.0904 0.0917 0.0139  -0.0604 -0.0149 6   DVA AAA HG23 
79 N N    B GLY A 7 ? 0.0376 0.0672 0.0821 0.0174  -0.0480 -0.0176 7   GLY AAA N    
80 C CA   B GLY A 7 ? 0.0656 0.0796 0.0939 -0.0165 -0.0447 -0.0110 7   GLY AAA CA   
81 C C    B GLY A 7 ? 0.0772 0.0924 0.0895 -0.0014 -0.0400 -0.0113 7   GLY AAA C    
82 O O    B GLY A 7 ? 0.0656 0.0768 0.1276 0.0138  -0.0407 -0.0030 7   GLY AAA O    
83 H H    B GLY A 7 ? 0.0471 0.0685 0.0853 0.0103  -0.0504 -0.0147 7   GLY AAA H    
84 H HA2  B GLY A 7 ? 0.0600 0.0866 0.0883 -0.0068 -0.0456 -0.0140 7   GLY AAA HA2  
85 H HA3  B GLY A 7 ? 0.0647 0.0782 0.0891 -0.0047 -0.0482 -0.0128 7   GLY AAA HA3  
86 N N    B GLY A 8 ? 0.0770 0.0728 0.0783 -0.0035 -0.0241 -0.0158 8   GLY AAA N    
87 C CA   B GLY A 8 ? 0.0826 0.0985 0.0789 0.0041  -0.0343 -0.0029 8   GLY AAA CA   
88 C C    B GLY A 8 ? 0.0479 0.0879 0.0853 0.0267  -0.0473 0.0082  8   GLY AAA C    
89 O O    B GLY A 8 ? 0.0860 0.0736 0.0764 0.0112  -0.0530 0.0127  8   GLY AAA O    
90 H H    B GLY A 8 ? 0.0744 0.0796 0.0790 -0.0041 -0.0273 -0.0103 8   GLY AAA H    
91 H HA2  B GLY A 8 ? 0.0788 0.0942 0.0810 0.0031  -0.0331 -0.0054 8   GLY AAA HA2  
92 H HA3  B GLY A 8 ? 0.0758 0.0906 0.0806 0.0093  -0.0373 -0.0042 8   GLY AAA HA3  
93 O O    A HOH B . ? 0.1012 0.0844 0.1194 -0.0034 -0.0137 -0.0303 101 HOH AAA O    
94 O O    . HOH B . ? 0.0849 0.0933 0.1777 0.0273  -0.0411 0.0158  102 HOH AAA O    
# 
